data_8VFU
#
_entry.id   8VFU
#
_cell.length_a   61.016
_cell.length_b   61.269
_cell.length_c   119.324
_cell.angle_alpha   90.000
_cell.angle_beta   90.000
_cell.angle_gamma   90.000
#
_symmetry.space_group_name_H-M   'P 21 21 21'
#
loop_
_entity.id
_entity.type
_entity.pdbx_description
1 polymer '3G5 Light Chain'
2 polymer '3G5 Heavy Chain'
3 water water
#
loop_
_entity_poly.entity_id
_entity_poly.type
_entity_poly.pdbx_seq_one_letter_code
_entity_poly.pdbx_strand_id
1 'polypeptide(L)'
;DIQMTQSPTSLSVSVGETVTITCRISENIYSNLAWYQQKEGKSPQLLVYAATKLADGVPSRFSGSGSGTQYSLKINSLQS
EDFGNYYCQHFWTTPRTFGGGTKVEIKRTVAAPSVFIFPPSDEQLKSGTASVVCLLNNFYPREAKVQWKVDNALQSGNSQ
ESVTEQDSKDSTYSLSSTLTLSKADYEKHKVYACEVTHQGLSSPVTKSFNRGEC
;
A
2 'polypeptide(L)'
;EVQLVESGGVLVKPGGSLKLSCAASGFTFSDYAMSWVRQTPEKRLEWVATITDGGSYAYYTDDVKGRFTVSRDNARNNLF
LQMSHLRSEDTGIYYCSRDRWPYYFDFWGRGTTLTVSSASTKGPSVFPLAPSSKSTSGGTAALGCLVKDYFPEPVTVSWN
SGALTSGVHTFPAVLQSSGLYSLSSVVTVPSSSLGTQTYICNVNHKPSNTKVDKKVEPKSCGSHHHHHH
;
B
#
# COMPACT_ATOMS: atom_id res chain seq x y z
N ASP A 1 22.34 4.15 -22.62
CA ASP A 1 21.25 4.47 -23.53
C ASP A 1 20.61 5.68 -22.90
N ILE A 2 19.34 6.01 -23.11
CA ILE A 2 18.84 7.17 -22.37
C ILE A 2 18.61 6.78 -20.91
N GLN A 3 19.28 7.48 -20.01
CA GLN A 3 19.13 7.19 -18.59
C GLN A 3 19.05 8.50 -17.84
N MET A 4 18.61 8.41 -16.58
CA MET A 4 18.41 9.58 -15.75
C MET A 4 18.96 9.36 -14.36
N THR A 5 19.43 10.44 -13.74
CA THR A 5 19.76 10.48 -12.33
C THR A 5 18.76 11.40 -11.65
N GLN A 6 18.03 10.88 -10.66
CA GLN A 6 17.22 11.74 -9.82
C GLN A 6 18.01 12.08 -8.56
N SER A 7 17.93 13.34 -8.14
CA SER A 7 18.66 13.70 -6.94
C SER A 7 17.93 14.81 -6.16
N PRO A 8 17.88 14.73 -4.81
CA PRO A 8 18.42 13.65 -3.96
C PRO A 8 17.60 12.37 -4.17
N THR A 9 18.04 11.22 -3.69
CA THR A 9 17.15 10.06 -3.75
C THR A 9 16.12 10.11 -2.61
N SER A 10 16.47 10.79 -1.54
CA SER A 10 15.70 10.79 -0.29
C SER A 10 15.81 12.17 0.35
N LEU A 11 14.70 12.67 0.88
CA LEU A 11 14.67 13.98 1.54
C LEU A 11 13.67 13.93 2.68
N SER A 12 13.93 14.75 3.71
CA SER A 12 13.07 14.87 4.90
C SER A 12 13.02 16.34 5.31
N VAL A 13 11.86 16.99 5.17
CA VAL A 13 11.75 18.45 5.17
C VAL A 13 10.40 18.85 5.76
N SER A 14 10.39 19.97 6.50
CA SER A 14 9.24 20.38 7.29
C SER A 14 8.20 21.10 6.45
N VAL A 15 6.97 21.16 6.99
CA VAL A 15 5.86 21.85 6.32
C VAL A 15 6.20 23.32 6.12
N GLY A 16 5.77 23.89 4.99
CA GLY A 16 6.01 25.27 4.69
C GLY A 16 7.34 25.57 4.04
N GLU A 17 8.22 24.56 3.91
CA GLU A 17 9.56 24.70 3.38
C GLU A 17 9.57 24.48 1.86
N THR A 18 10.69 24.82 1.23
CA THR A 18 10.86 24.72 -0.22
C THR A 18 11.75 23.53 -0.57
N VAL A 19 11.24 22.67 -1.44
CA VAL A 19 11.95 21.46 -1.85
C VAL A 19 12.19 21.56 -3.35
N THR A 20 13.43 21.31 -3.79
CA THR A 20 13.73 21.13 -5.20
C THR A 20 14.18 19.70 -5.44
N ILE A 21 13.59 19.05 -6.43
CA ILE A 21 14.02 17.73 -6.88
C ILE A 21 14.57 17.89 -8.29
N THR A 22 15.71 17.28 -8.54
CA THR A 22 16.41 17.45 -9.82
C THR A 22 16.49 16.14 -10.59
N CYS A 23 16.29 16.23 -11.90
CA CYS A 23 16.39 15.09 -12.81
C CYS A 23 17.42 15.47 -13.88
N ARG A 24 18.53 14.73 -13.93
CA ARG A 24 19.62 14.93 -14.89
C ARG A 24 19.66 13.79 -15.91
N ILE A 25 19.80 14.13 -17.20
CA ILE A 25 19.62 13.17 -18.28
C ILE A 25 20.94 13.01 -19.05
N SER A 26 21.10 11.83 -19.66
CA SER A 26 22.31 11.44 -20.38
C SER A 26 22.41 12.06 -21.77
N GLU A 27 21.28 12.47 -22.33
CA GLU A 27 21.26 13.21 -23.59
C GLU A 27 20.44 14.47 -23.38
N ASN A 28 20.57 15.40 -24.30
CA ASN A 28 19.64 16.52 -24.35
C ASN A 28 18.30 16.02 -24.88
N ILE A 29 17.23 16.23 -24.11
CA ILE A 29 15.90 15.78 -24.50
C ILE A 29 14.95 16.94 -24.81
N TYR A 30 15.46 18.16 -24.92
CA TYR A 30 14.70 19.31 -25.40
C TYR A 30 13.33 19.43 -24.71
N SER A 31 13.36 19.40 -23.38
CA SER A 31 12.22 19.68 -22.52
C SER A 31 11.09 18.66 -22.64
N ASN A 32 11.36 17.52 -23.28
CA ASN A 32 10.42 16.41 -23.37
C ASN A 32 10.45 15.55 -22.10
N LEU A 33 9.83 16.09 -21.04
CA LEU A 33 9.93 15.52 -19.70
C LEU A 33 8.60 15.65 -18.99
N ALA A 34 8.32 14.72 -18.07
CA ALA A 34 7.14 14.79 -17.21
C ALA A 34 7.51 14.40 -15.78
N TRP A 35 6.68 14.83 -14.84
CA TRP A 35 6.91 14.59 -13.41
C TRP A 35 5.65 13.97 -12.80
N TYR A 36 5.86 13.07 -11.84
CA TYR A 36 4.78 12.30 -11.23
C TYR A 36 5.04 12.11 -9.74
N GLN A 37 3.95 12.12 -8.97
CA GLN A 37 3.89 11.77 -7.56
C GLN A 37 3.15 10.46 -7.39
N GLN A 38 3.71 9.53 -6.61
CA GLN A 38 3.00 8.30 -6.27
C GLN A 38 3.15 8.03 -4.78
N LYS A 39 2.03 7.80 -4.11
CA LYS A 39 2.03 7.36 -2.72
C LYS A 39 1.81 5.86 -2.68
N GLU A 40 2.32 5.22 -1.62
CA GLU A 40 2.34 3.76 -1.53
C GLU A 40 0.94 3.16 -1.67
N GLY A 41 0.86 2.05 -2.40
CA GLY A 41 -0.41 1.46 -2.77
C GLY A 41 -1.01 2.21 -3.93
N LYS A 42 -1.36 3.46 -3.68
CA LYS A 42 -2.05 4.35 -4.61
C LYS A 42 -1.34 4.50 -5.96
N SER A 43 -2.06 5.00 -6.96
CA SER A 43 -1.67 5.17 -8.34
C SER A 43 -0.98 6.51 -8.55
N PRO A 44 -0.05 6.54 -9.51
CA PRO A 44 0.66 7.80 -9.85
C PRO A 44 -0.28 8.93 -10.25
N GLN A 45 0.25 10.16 -10.17
CA GLN A 45 -0.49 11.38 -10.53
C GLN A 45 0.46 12.30 -11.30
N LEU A 46 0.07 12.68 -12.53
CA LEU A 46 0.84 13.64 -13.30
C LEU A 46 0.93 14.99 -12.60
N LEU A 47 2.15 15.48 -12.41
CA LEU A 47 2.38 16.82 -11.87
C LEU A 47 2.62 17.87 -12.95
N VAL A 48 3.57 17.59 -13.84
CA VAL A 48 4.15 18.56 -14.77
C VAL A 48 4.51 17.80 -16.05
N TYR A 49 4.29 18.43 -17.20
CA TYR A 49 4.65 17.82 -18.48
C TYR A 49 5.29 18.88 -19.36
N ALA A 50 5.99 18.41 -20.39
CA ALA A 50 6.80 19.28 -21.25
C ALA A 50 7.70 20.19 -20.41
N ALA A 51 8.25 19.62 -19.33
CA ALA A 51 9.23 20.22 -18.44
C ALA A 51 8.67 21.35 -17.59
N THR A 52 7.75 22.16 -18.14
CA THR A 52 7.34 23.37 -17.45
C THR A 52 5.83 23.55 -17.28
N LYS A 53 5.01 22.60 -17.75
CA LYS A 53 3.56 22.80 -17.83
C LYS A 53 2.87 22.08 -16.68
N LEU A 54 2.12 22.83 -15.90
CA LEU A 54 1.42 22.28 -14.74
C LEU A 54 0.18 21.51 -15.20
N ALA A 55 0.06 20.25 -14.78
CA ALA A 55 -1.14 19.49 -15.10
C ALA A 55 -2.34 20.07 -14.35
N ASP A 56 -3.53 19.76 -14.84
CA ASP A 56 -4.71 20.36 -14.23
C ASP A 56 -5.03 19.67 -12.91
N GLY A 57 -5.69 20.41 -12.02
CA GLY A 57 -5.99 19.93 -10.68
C GLY A 57 -4.81 19.78 -9.75
N VAL A 58 -3.64 20.28 -10.14
CA VAL A 58 -2.43 20.18 -9.33
C VAL A 58 -2.22 21.49 -8.61
N PRO A 59 -2.03 21.53 -7.30
CA PRO A 59 -1.81 22.79 -6.59
C PRO A 59 -0.66 23.58 -7.20
N SER A 60 -0.78 24.90 -7.20
CA SER A 60 0.19 25.74 -7.91
C SER A 60 1.49 25.87 -7.16
N ARG A 61 1.60 25.29 -5.97
CA ARG A 61 2.89 25.27 -5.29
C ARG A 61 3.87 24.32 -5.99
N PHE A 62 3.40 23.52 -6.95
CA PHE A 62 4.28 22.68 -7.76
C PHE A 62 4.65 23.44 -9.02
N SER A 63 5.89 23.28 -9.46
CA SER A 63 6.26 23.82 -10.76
C SER A 63 7.53 23.11 -11.19
N GLY A 64 7.80 23.20 -12.48
CA GLY A 64 8.97 22.57 -13.07
C GLY A 64 9.71 23.51 -13.95
N SER A 65 11.03 23.36 -13.97
CA SER A 65 11.88 24.19 -14.80
C SER A 65 12.98 23.33 -15.44
N GLY A 66 13.73 23.96 -16.32
CA GLY A 66 14.97 23.40 -16.80
C GLY A 66 14.93 23.18 -18.29
N SER A 67 16.05 22.68 -18.81
CA SER A 67 16.15 22.43 -20.24
C SER A 67 17.42 21.63 -20.48
N GLY A 68 17.51 21.06 -21.68
CA GLY A 68 18.69 20.32 -22.07
C GLY A 68 18.80 19.02 -21.31
N THR A 69 19.71 19.00 -20.34
CA THR A 69 19.96 17.81 -19.55
C THR A 69 19.71 18.03 -18.05
N GLN A 70 19.02 19.10 -17.68
CA GLN A 70 18.86 19.51 -16.28
C GLN A 70 17.42 19.94 -16.08
N TYR A 71 16.67 19.20 -15.26
CA TYR A 71 15.28 19.55 -14.98
C TYR A 71 15.04 19.48 -13.48
N SER A 72 14.03 20.22 -13.05
CA SER A 72 13.78 20.42 -11.64
C SER A 72 12.28 20.50 -11.37
N LEU A 73 11.87 19.88 -10.27
CA LEU A 73 10.55 20.02 -9.69
C LEU A 73 10.68 20.75 -8.35
N LYS A 74 9.92 21.82 -8.19
CA LYS A 74 9.99 22.64 -6.99
C LYS A 74 8.64 22.64 -6.31
N ILE A 75 8.62 22.35 -5.01
CA ILE A 75 7.43 22.49 -4.19
C ILE A 75 7.66 23.69 -3.29
N ASN A 76 6.79 24.71 -3.43
CA ASN A 76 7.03 26.03 -2.85
C ASN A 76 6.96 26.01 -1.33
N SER A 77 5.84 25.58 -0.78
CA SER A 77 5.74 25.39 0.67
C SER A 77 5.20 23.98 0.85
N LEU A 78 6.04 23.10 1.36
CA LEU A 78 5.70 21.69 1.43
C LEU A 78 4.53 21.49 2.37
N GLN A 79 3.58 20.64 1.95
CA GLN A 79 2.42 20.30 2.75
C GLN A 79 2.46 18.81 3.11
N SER A 80 1.75 18.45 4.17
CA SER A 80 1.80 17.09 4.68
C SER A 80 1.36 16.08 3.64
N GLU A 81 0.46 16.49 2.74
CA GLU A 81 -0.01 15.62 1.67
C GLU A 81 1.03 15.44 0.55
N ASP A 82 2.14 16.16 0.59
CA ASP A 82 3.17 16.02 -0.44
C ASP A 82 4.24 14.99 -0.08
N PHE A 83 3.94 14.06 0.81
CA PHE A 83 4.83 12.92 0.99
C PHE A 83 4.70 11.96 -0.21
N GLY A 84 5.65 11.04 -0.32
CA GLY A 84 5.59 10.00 -1.34
C GLY A 84 6.80 10.02 -2.26
N ASN A 85 6.67 9.28 -3.36
CA ASN A 85 7.72 9.18 -4.37
C ASN A 85 7.42 10.07 -5.56
N TYR A 86 8.45 10.76 -6.03
CA TYR A 86 8.40 11.61 -7.22
C TYR A 86 9.30 11.03 -8.29
N TYR A 87 8.77 10.97 -9.52
CA TYR A 87 9.43 10.34 -10.65
C TYR A 87 9.45 11.29 -11.85
N CYS A 88 10.58 11.36 -12.54
CA CYS A 88 10.60 12.00 -13.85
C CYS A 88 10.50 10.95 -14.95
N GLN A 89 10.09 11.41 -16.12
CA GLN A 89 9.87 10.58 -17.29
C GLN A 89 10.26 11.38 -18.52
N HIS A 90 11.10 10.80 -19.38
CA HIS A 90 11.38 11.40 -20.65
C HIS A 90 10.44 10.81 -21.69
N PHE A 91 10.09 11.63 -22.69
CA PHE A 91 9.47 11.16 -23.92
C PHE A 91 10.20 11.74 -25.13
N TRP A 92 11.52 11.55 -25.18
CA TRP A 92 12.32 11.96 -26.33
C TRP A 92 12.37 10.86 -27.40
N THR A 93 12.82 9.69 -27.03
CA THR A 93 12.87 8.57 -27.95
C THR A 93 12.11 7.39 -27.35
N THR A 94 12.00 6.33 -28.13
CA THR A 94 11.22 5.18 -27.70
C THR A 94 12.13 4.12 -27.12
N PRO A 95 11.80 3.55 -25.95
CA PRO A 95 10.57 3.77 -25.15
C PRO A 95 10.65 4.99 -24.23
N ARG A 96 9.52 5.57 -23.84
CA ARG A 96 9.47 6.47 -22.69
C ARG A 96 9.88 5.69 -21.45
N THR A 97 10.79 6.24 -20.65
CA THR A 97 11.20 5.57 -19.41
C THR A 97 11.14 6.52 -18.22
N PHE A 98 11.26 5.93 -17.04
CA PHE A 98 11.04 6.59 -15.77
C PHE A 98 12.31 6.55 -14.94
N GLY A 99 12.53 7.63 -14.18
CA GLY A 99 13.62 7.69 -13.23
C GLY A 99 13.36 6.80 -12.02
N GLY A 100 14.35 6.76 -11.12
CA GLY A 100 14.33 5.87 -9.99
C GLY A 100 13.57 6.37 -8.78
N GLY A 101 13.32 7.67 -8.71
CA GLY A 101 12.51 8.16 -7.61
C GLY A 101 13.29 9.01 -6.61
N THR A 102 12.58 9.95 -6.02
CA THR A 102 12.99 10.69 -4.83
C THR A 102 11.91 10.47 -3.79
N LYS A 103 12.27 9.85 -2.68
CA LYS A 103 11.32 9.66 -1.59
C LYS A 103 11.30 10.93 -0.75
N VAL A 104 10.10 11.46 -0.51
CA VAL A 104 9.93 12.68 0.25
C VAL A 104 9.25 12.29 1.55
N GLU A 105 9.90 12.64 2.68
CA GLU A 105 9.29 12.51 4.00
C GLU A 105 9.01 13.88 4.59
N ILE A 106 7.84 14.02 5.20
CA ILE A 106 7.53 15.24 5.94
C ILE A 106 8.12 15.13 7.34
N LYS A 107 9.05 16.04 7.64
CA LYS A 107 9.56 16.16 8.99
C LYS A 107 8.58 16.96 9.85
N ARG A 108 8.40 16.51 11.08
CA ARG A 108 7.48 17.13 12.03
C ARG A 108 8.05 16.93 13.43
N THR A 109 7.37 17.48 14.42
CA THR A 109 7.79 17.33 15.79
C THR A 109 7.62 15.87 16.23
N VAL A 110 8.26 15.54 17.35
CA VAL A 110 8.18 14.19 17.89
C VAL A 110 6.78 13.90 18.42
N ALA A 111 6.32 12.68 18.20
CA ALA A 111 5.06 12.22 18.77
C ALA A 111 5.29 10.82 19.32
N ALA A 112 4.94 10.62 20.59
CA ALA A 112 5.06 9.31 21.18
C ALA A 112 3.94 8.40 20.67
N PRO A 113 4.20 7.11 20.51
CA PRO A 113 3.13 6.19 20.11
C PRO A 113 2.12 6.02 21.23
N SER A 114 0.88 5.72 20.86
CA SER A 114 -0.10 5.13 21.77
C SER A 114 -0.01 3.64 21.57
N VAL A 115 0.04 2.88 22.67
CA VAL A 115 0.36 1.45 22.60
C VAL A 115 -0.86 0.66 23.05
N PHE A 116 -1.23 -0.35 22.25
CA PHE A 116 -2.41 -1.17 22.48
C PHE A 116 -2.05 -2.63 22.23
N ILE A 117 -2.55 -3.52 23.09
CA ILE A 117 -2.31 -4.96 22.95
C ILE A 117 -3.65 -5.67 22.75
N PHE A 118 -3.64 -6.75 21.94
CA PHE A 118 -4.84 -7.52 21.61
C PHE A 118 -4.55 -9.03 21.87
N PRO A 119 -5.26 -9.66 22.78
CA PRO A 119 -5.07 -11.12 22.96
C PRO A 119 -5.66 -11.87 21.79
N PRO A 120 -5.37 -13.17 21.64
CA PRO A 120 -5.92 -13.90 20.49
C PRO A 120 -7.43 -13.99 20.58
N SER A 121 -8.08 -13.85 19.42
CA SER A 121 -9.50 -14.16 19.32
C SER A 121 -9.76 -15.59 19.80
N ASP A 122 -10.99 -15.82 20.28
CA ASP A 122 -11.39 -17.15 20.70
C ASP A 122 -11.57 -18.06 19.50
N GLU A 123 -11.91 -17.46 18.35
CA GLU A 123 -12.08 -18.23 17.12
C GLU A 123 -10.75 -18.81 16.64
N GLN A 124 -9.68 -18.01 16.70
CA GLN A 124 -8.36 -18.49 16.28
C GLN A 124 -7.85 -19.60 17.20
N LEU A 125 -8.04 -19.46 18.51
CA LEU A 125 -7.58 -20.48 19.46
C LEU A 125 -8.19 -21.84 19.15
N LYS A 126 -9.45 -21.85 18.71
CA LYS A 126 -10.11 -23.09 18.33
C LYS A 126 -9.43 -23.75 17.14
N SER A 127 -8.66 -22.99 16.36
CA SER A 127 -7.96 -23.58 15.23
C SER A 127 -6.57 -24.10 15.58
N GLY A 128 -6.03 -23.73 16.75
CA GLY A 128 -4.75 -24.24 17.19
C GLY A 128 -3.62 -23.23 17.27
N THR A 129 -3.85 -21.96 16.97
CA THR A 129 -2.79 -20.96 16.94
C THR A 129 -3.21 -19.73 17.73
N ALA A 130 -2.22 -18.99 18.22
CA ALA A 130 -2.44 -17.86 19.11
C ALA A 130 -1.60 -16.70 18.57
N SER A 131 -2.25 -15.75 17.91
CA SER A 131 -1.61 -14.53 17.44
C SER A 131 -1.91 -13.43 18.44
N VAL A 132 -0.86 -12.76 18.93
CA VAL A 132 -1.01 -11.66 19.86
C VAL A 132 -0.48 -10.40 19.18
N VAL A 133 -1.30 -9.34 19.14
CA VAL A 133 -1.02 -8.17 18.31
C VAL A 133 -0.77 -6.98 19.21
N CYS A 134 0.34 -6.29 18.96
CA CYS A 134 0.71 -5.07 19.66
C CYS A 134 0.69 -3.94 18.66
N LEU A 135 0.06 -2.82 19.03
CA LEU A 135 -0.20 -1.73 18.10
C LEU A 135 0.42 -0.44 18.63
N LEU A 136 1.27 0.16 17.80
CA LEU A 136 1.87 1.46 18.06
C LEU A 136 1.28 2.42 17.02
N ASN A 137 0.51 3.40 17.50
CA ASN A 137 -0.27 4.29 16.66
C ASN A 137 0.36 5.68 16.61
N ASN A 138 0.52 6.22 15.40
CA ASN A 138 0.64 7.67 15.20
C ASN A 138 1.85 8.26 15.92
N PHE A 139 3.03 7.75 15.60
CA PHE A 139 4.26 8.24 16.19
C PHE A 139 5.14 8.87 15.12
N TYR A 140 6.13 9.64 15.59
CA TYR A 140 7.17 10.18 14.71
C TYR A 140 8.40 10.46 15.55
N PRO A 141 9.61 10.13 15.07
CA PRO A 141 9.95 9.54 13.76
C PRO A 141 9.65 8.06 13.68
N ARG A 142 9.98 7.45 12.53
CA ARG A 142 9.65 6.06 12.24
C ARG A 142 10.25 5.09 13.26
N GLU A 143 11.42 5.40 13.82
CA GLU A 143 12.17 4.42 14.61
C GLU A 143 11.45 4.13 15.92
N ALA A 144 11.18 2.84 16.15
CA ALA A 144 10.40 2.35 17.27
C ALA A 144 10.78 0.90 17.48
N LYS A 145 11.01 0.53 18.74
CA LYS A 145 11.40 -0.83 19.08
C LYS A 145 10.26 -1.51 19.83
N VAL A 146 9.90 -2.72 19.44
CA VAL A 146 8.90 -3.52 20.14
C VAL A 146 9.57 -4.72 20.77
N GLN A 147 9.38 -4.90 22.08
CA GLN A 147 9.92 -6.05 22.79
C GLN A 147 8.77 -6.87 23.36
N TRP A 148 8.66 -8.11 22.92
CA TRP A 148 7.70 -9.07 23.45
C TRP A 148 8.28 -9.76 24.68
N LYS A 149 7.49 -9.77 25.76
CA LYS A 149 7.84 -10.42 27.01
C LYS A 149 6.72 -11.37 27.39
N VAL A 150 7.08 -12.62 27.69
CA VAL A 150 6.12 -13.64 28.13
C VAL A 150 6.58 -14.18 29.48
N ASP A 151 5.69 -14.10 30.48
CA ASP A 151 6.04 -14.29 31.90
C ASP A 151 7.38 -13.65 32.24
N ASN A 152 7.57 -12.42 31.76
CA ASN A 152 8.76 -11.59 31.92
C ASN A 152 9.98 -12.12 31.17
N ALA A 153 9.83 -13.07 30.25
CA ALA A 153 10.95 -13.61 29.49
C ALA A 153 11.01 -12.97 28.10
N LEU A 154 12.12 -12.26 27.84
CA LEU A 154 12.45 -11.64 26.57
C LEU A 154 12.26 -12.61 25.41
N GLN A 155 11.39 -12.27 24.48
CA GLN A 155 11.14 -13.16 23.35
C GLN A 155 12.04 -12.82 22.17
N SER A 156 12.15 -13.80 21.26
CA SER A 156 12.83 -13.62 20.00
C SER A 156 12.56 -14.80 19.07
N GLY A 157 12.26 -14.52 17.79
CA GLY A 157 12.05 -15.55 16.78
C GLY A 157 10.61 -15.91 16.51
N ASN A 158 9.66 -15.29 17.23
CA ASN A 158 8.24 -15.62 17.10
C ASN A 158 7.38 -14.41 16.78
N SER A 159 7.99 -13.29 16.42
CA SER A 159 7.22 -12.12 16.04
C SER A 159 7.69 -11.61 14.69
N GLN A 160 6.78 -10.89 14.01
CA GLN A 160 7.10 -10.05 12.86
C GLN A 160 6.34 -8.75 12.97
N GLU A 161 6.86 -7.69 12.35
CA GLU A 161 6.25 -6.38 12.47
C GLU A 161 6.25 -5.72 11.10
N SER A 162 5.50 -4.62 10.95
CA SER A 162 5.64 -3.77 9.77
C SER A 162 5.11 -2.36 10.07
N VAL A 163 5.67 -1.38 9.36
CA VAL A 163 5.34 0.03 9.51
C VAL A 163 4.47 0.45 8.34
N THR A 164 3.52 1.36 8.61
CA THR A 164 2.76 2.03 7.55
C THR A 164 3.67 2.98 6.77
N GLU A 165 3.15 3.48 5.65
CA GLU A 165 3.71 4.65 5.00
C GLU A 165 3.39 5.86 5.88
N GLN A 166 3.78 7.06 5.46
CA GLN A 166 3.49 8.23 6.25
C GLN A 166 2.04 8.71 6.04
N ASP A 167 1.45 9.20 7.13
CA ASP A 167 0.10 9.74 7.10
C ASP A 167 0.08 11.10 6.42
N SER A 168 -0.87 11.26 5.50
CA SER A 168 -0.97 12.47 4.70
C SER A 168 -1.56 13.65 5.46
N LYS A 169 -2.16 13.42 6.64
CA LYS A 169 -2.73 14.50 7.44
C LYS A 169 -1.80 14.94 8.56
N ASP A 170 -1.32 14.01 9.39
CA ASP A 170 -0.51 14.38 10.56
C ASP A 170 0.96 13.98 10.42
N SER A 171 1.36 13.36 9.31
CA SER A 171 2.73 12.96 9.06
C SER A 171 3.28 11.99 10.08
N THR A 172 2.44 11.20 10.73
CA THR A 172 2.93 10.18 11.64
C THR A 172 2.92 8.82 10.97
N TYR A 173 3.46 7.86 11.71
CA TYR A 173 3.61 6.48 11.30
C TYR A 173 2.85 5.62 12.29
N SER A 174 2.50 4.41 11.88
CA SER A 174 1.94 3.43 12.80
C SER A 174 2.61 2.10 12.51
N LEU A 175 2.56 1.22 13.51
CA LEU A 175 3.32 -0.02 13.50
C LEU A 175 2.47 -1.13 14.12
N SER A 176 2.48 -2.29 13.49
CA SER A 176 1.81 -3.47 14.02
C SER A 176 2.79 -4.63 14.14
N SER A 177 2.80 -5.26 15.31
CA SER A 177 3.67 -6.41 15.58
C SER A 177 2.83 -7.56 16.10
N THR A 178 3.08 -8.74 15.55
CA THR A 178 2.34 -9.96 15.87
C THR A 178 3.27 -10.99 16.49
N LEU A 179 2.91 -11.50 17.67
CA LEU A 179 3.60 -12.62 18.31
C LEU A 179 2.80 -13.90 18.06
N THR A 180 3.42 -14.91 17.46
CA THR A 180 2.67 -16.11 17.09
C THR A 180 3.14 -17.32 17.87
N LEU A 181 2.19 -17.99 18.51
CA LEU A 181 2.45 -19.18 19.30
C LEU A 181 1.43 -20.25 18.94
N SER A 182 1.84 -21.51 19.09
CA SER A 182 0.89 -22.61 19.05
C SER A 182 -0.10 -22.42 20.19
N LYS A 183 -1.29 -23.02 20.10
CA LYS A 183 -2.21 -22.97 21.23
C LYS A 183 -1.55 -23.56 22.48
N ALA A 184 -0.82 -24.67 22.31
CA ALA A 184 -0.25 -25.34 23.46
C ALA A 184 0.76 -24.45 24.17
N ASP A 185 1.65 -23.79 23.41
CA ASP A 185 2.61 -22.87 24.01
C ASP A 185 1.89 -21.70 24.65
N TYR A 186 0.76 -21.29 24.07
CA TYR A 186 0.03 -20.15 24.58
C TYR A 186 -0.52 -20.44 25.97
N GLU A 187 -1.02 -21.65 26.19
CA GLU A 187 -1.67 -21.99 27.45
C GLU A 187 -0.71 -22.23 28.60
N LYS A 188 0.59 -22.24 28.35
CA LYS A 188 1.58 -22.51 29.39
C LYS A 188 2.19 -21.25 29.98
N HIS A 189 1.65 -20.07 29.67
CA HIS A 189 2.19 -18.83 30.22
C HIS A 189 1.06 -17.88 30.56
N LYS A 190 1.30 -17.02 31.53
CA LYS A 190 0.25 -16.16 32.05
C LYS A 190 0.30 -14.75 31.49
N VAL A 191 1.46 -14.09 31.55
CA VAL A 191 1.57 -12.66 31.29
C VAL A 191 2.12 -12.45 29.90
N TYR A 192 1.37 -11.73 29.06
CA TYR A 192 1.81 -11.38 27.71
C TYR A 192 1.93 -9.87 27.60
N ALA A 193 3.12 -9.39 27.27
CA ALA A 193 3.49 -8.00 27.43
C ALA A 193 4.15 -7.49 26.17
N CYS A 194 3.94 -6.21 25.92
CA CYS A 194 4.47 -5.49 24.79
C CYS A 194 5.20 -4.29 25.34
N GLU A 195 6.53 -4.23 25.16
CA GLU A 195 7.35 -3.16 25.72
C GLU A 195 7.90 -2.31 24.59
N VAL A 196 7.60 -1.01 24.62
CA VAL A 196 7.76 -0.11 23.49
C VAL A 196 8.74 0.99 23.85
N THR A 197 9.73 1.21 22.98
CA THR A 197 10.68 2.30 23.09
C THR A 197 10.52 3.23 21.88
N HIS A 198 10.62 4.53 22.12
CA HIS A 198 10.55 5.54 21.08
C HIS A 198 11.23 6.79 21.58
N GLN A 199 11.74 7.60 20.64
CA GLN A 199 12.31 8.91 21.00
C GLN A 199 11.33 9.77 21.79
N GLY A 200 10.03 9.66 21.51
CA GLY A 200 9.03 10.42 22.24
C GLY A 200 8.68 9.91 23.62
N LEU A 201 9.30 8.83 24.10
CA LEU A 201 8.99 8.26 25.42
C LEU A 201 10.23 8.30 26.30
N SER A 202 10.12 8.91 27.48
CA SER A 202 11.23 8.91 28.43
C SER A 202 11.52 7.51 28.93
N SER A 203 10.57 6.89 29.60
CA SER A 203 10.72 5.51 30.00
C SER A 203 9.85 4.63 29.11
N PRO A 204 10.13 3.33 29.04
CA PRO A 204 9.38 2.49 28.11
C PRO A 204 7.94 2.30 28.56
N VAL A 205 7.12 1.85 27.63
CA VAL A 205 5.70 1.64 27.86
C VAL A 205 5.43 0.14 27.73
N THR A 206 4.80 -0.45 28.73
CA THR A 206 4.45 -1.87 28.68
C THR A 206 2.93 -2.01 28.71
N LYS A 207 2.37 -2.61 27.67
CA LYS A 207 1.00 -3.10 27.66
C LYS A 207 1.01 -4.62 27.82
N SER A 208 0.18 -5.12 28.72
CA SER A 208 0.25 -6.53 29.06
C SER A 208 -1.13 -7.06 29.45
N PHE A 209 -1.33 -8.35 29.27
CA PHE A 209 -2.53 -8.97 29.83
C PHE A 209 -2.17 -10.34 30.39
N ASN A 210 -3.00 -10.80 31.33
CA ASN A 210 -2.97 -12.16 31.82
C ASN A 210 -3.95 -13.01 31.02
N ARG A 211 -3.52 -14.17 30.56
CA ARG A 211 -4.48 -15.08 29.92
C ARG A 211 -5.56 -15.48 30.91
N GLY A 212 -6.81 -15.20 30.56
CA GLY A 212 -7.91 -15.53 31.44
C GLY A 212 -9.25 -15.43 30.76
N GLU B 1 -16.14 12.52 -13.35
CA GLU B 1 -14.69 12.50 -13.17
C GLU B 1 -14.10 11.32 -13.95
N VAL B 2 -12.85 11.47 -14.42
CA VAL B 2 -12.21 10.37 -15.11
C VAL B 2 -12.06 9.19 -14.14
N GLN B 3 -12.12 7.97 -14.69
CA GLN B 3 -12.10 6.78 -13.86
C GLN B 3 -11.52 5.64 -14.68
N LEU B 4 -10.47 5.00 -14.18
CA LEU B 4 -9.88 3.81 -14.79
C LEU B 4 -9.83 2.70 -13.75
N VAL B 5 -10.53 1.60 -14.01
CA VAL B 5 -10.73 0.53 -13.03
C VAL B 5 -10.34 -0.81 -13.64
N GLU B 6 -9.18 -1.35 -13.24
CA GLU B 6 -8.63 -2.60 -13.73
C GLU B 6 -9.29 -3.83 -13.10
N SER B 7 -9.14 -4.95 -13.79
CA SER B 7 -9.68 -6.24 -13.37
C SER B 7 -8.76 -7.32 -13.91
N GLY B 8 -8.81 -8.48 -13.27
CA GLY B 8 -7.76 -9.47 -13.38
C GLY B 8 -6.96 -9.39 -12.08
N GLY B 9 -5.69 -9.77 -12.11
CA GLY B 9 -4.91 -9.64 -10.91
C GLY B 9 -4.95 -10.89 -10.04
N VAL B 10 -4.27 -11.91 -10.52
CA VAL B 10 -4.37 -13.25 -9.97
C VAL B 10 -2.98 -13.85 -9.92
N LEU B 11 -2.91 -15.08 -9.43
CA LEU B 11 -1.72 -15.90 -9.61
C LEU B 11 -1.79 -16.63 -10.97
N VAL B 12 -0.64 -16.75 -11.62
CA VAL B 12 -0.52 -17.48 -12.88
C VAL B 12 0.72 -18.36 -12.79
N LYS B 13 0.60 -19.60 -13.24
CA LYS B 13 1.74 -20.48 -13.37
C LYS B 13 2.76 -19.86 -14.34
N PRO B 14 4.05 -20.01 -14.06
CA PRO B 14 5.08 -19.60 -15.05
C PRO B 14 4.84 -20.30 -16.37
N GLY B 15 4.81 -19.52 -17.46
CA GLY B 15 4.46 -20.01 -18.76
C GLY B 15 3.00 -19.87 -19.16
N GLY B 16 2.12 -19.39 -18.28
CA GLY B 16 0.69 -19.35 -18.54
C GLY B 16 0.21 -18.03 -19.13
N SER B 17 -1.13 -17.94 -19.31
CA SER B 17 -1.78 -16.81 -19.95
C SER B 17 -2.82 -16.16 -19.04
N LEU B 18 -3.23 -14.95 -19.42
CA LEU B 18 -4.11 -14.11 -18.61
C LEU B 18 -4.59 -12.90 -19.41
N LYS B 19 -5.84 -12.48 -19.21
CA LYS B 19 -6.35 -11.24 -19.79
C LYS B 19 -6.63 -10.26 -18.66
N LEU B 20 -5.99 -9.10 -18.71
CA LEU B 20 -6.34 -7.98 -17.86
C LEU B 20 -7.32 -7.08 -18.61
N SER B 21 -8.25 -6.49 -17.85
CA SER B 21 -9.29 -5.60 -18.35
C SER B 21 -9.21 -4.25 -17.65
N CYS B 22 -9.72 -3.21 -18.33
CA CYS B 22 -9.81 -1.89 -17.74
C CYS B 22 -11.08 -1.18 -18.21
N ALA B 23 -11.97 -0.85 -17.29
CA ALA B 23 -13.16 -0.05 -17.58
C ALA B 23 -12.84 1.43 -17.45
N ALA B 24 -13.07 2.19 -18.51
CA ALA B 24 -12.88 3.63 -18.48
C ALA B 24 -14.22 4.35 -18.52
N SER B 25 -14.27 5.52 -17.89
CA SER B 25 -15.46 6.35 -17.90
C SER B 25 -15.06 7.79 -17.57
N GLY B 26 -15.93 8.72 -17.92
CA GLY B 26 -15.77 10.12 -17.52
C GLY B 26 -15.00 10.99 -18.50
N PHE B 27 -14.86 10.53 -19.75
CA PHE B 27 -14.25 11.26 -20.85
C PHE B 27 -14.59 10.51 -22.12
N THR B 28 -14.29 11.12 -23.27
CA THR B 28 -14.55 10.45 -24.54
C THR B 28 -13.47 9.40 -24.78
N PHE B 29 -13.83 8.13 -24.61
CA PHE B 29 -12.85 7.06 -24.57
C PHE B 29 -12.07 6.96 -25.89
N SER B 30 -12.79 6.83 -27.02
CA SER B 30 -12.20 6.68 -28.34
C SER B 30 -11.39 7.91 -28.78
N ASP B 31 -11.34 8.97 -27.99
CA ASP B 31 -10.49 10.11 -28.30
C ASP B 31 -9.05 9.94 -27.86
N TYR B 32 -8.70 8.88 -27.15
CA TYR B 32 -7.42 8.80 -26.47
C TYR B 32 -6.75 7.46 -26.73
N ALA B 33 -5.45 7.52 -26.97
CA ALA B 33 -4.63 6.33 -26.79
C ALA B 33 -4.75 5.83 -25.36
N MET B 34 -4.51 4.55 -25.18
CA MET B 34 -4.63 3.90 -23.89
C MET B 34 -3.40 3.03 -23.69
N SER B 35 -2.95 2.90 -22.43
CA SER B 35 -1.72 2.19 -22.10
C SER B 35 -1.84 1.30 -20.88
N TRP B 36 -0.91 0.35 -20.81
CA TRP B 36 -0.58 -0.38 -19.61
C TRP B 36 0.82 0.03 -19.21
N VAL B 37 0.99 0.39 -17.94
CA VAL B 37 2.29 0.65 -17.33
C VAL B 37 2.36 -0.21 -16.07
N ARG B 38 3.47 -0.92 -15.90
CA ARG B 38 3.56 -1.85 -14.78
C ARG B 38 4.62 -1.39 -13.79
N GLN B 39 4.41 -1.70 -12.56
CA GLN B 39 5.38 -1.37 -11.53
C GLN B 39 6.12 -2.66 -11.25
N THR B 40 7.37 -2.70 -11.65
CA THR B 40 8.13 -3.93 -11.67
C THR B 40 8.43 -4.37 -10.25
N PRO B 41 9.06 -5.55 -10.08
CA PRO B 41 9.57 -5.96 -8.76
C PRO B 41 10.34 -4.88 -8.02
N GLU B 42 11.29 -4.23 -8.69
CA GLU B 42 12.19 -3.29 -8.00
C GLU B 42 11.43 -2.14 -7.35
N LYS B 43 10.29 -1.78 -7.95
CA LYS B 43 9.46 -0.58 -7.72
C LYS B 43 9.80 0.48 -8.76
N ARG B 44 10.05 0.06 -10.00
CA ARG B 44 10.31 0.96 -11.12
C ARG B 44 9.13 0.90 -12.10
N LEU B 45 8.64 2.07 -12.50
CA LEU B 45 7.58 2.16 -13.49
C LEU B 45 8.11 1.88 -14.90
N GLU B 46 7.40 1.02 -15.65
CA GLU B 46 7.84 0.54 -16.96
C GLU B 46 6.65 0.49 -17.90
N TRP B 47 6.71 1.26 -18.98
CA TRP B 47 5.67 1.20 -20.01
C TRP B 47 5.66 -0.17 -20.68
N VAL B 48 4.48 -0.67 -20.97
CA VAL B 48 4.29 -2.01 -21.51
C VAL B 48 3.78 -1.98 -22.94
N ALA B 49 2.70 -1.24 -23.18
CA ALA B 49 1.98 -1.33 -24.43
C ALA B 49 1.03 -0.16 -24.54
N THR B 50 0.71 0.21 -25.77
CA THR B 50 -0.16 1.33 -26.06
C THR B 50 -0.96 1.01 -27.31
N ILE B 51 -2.25 1.26 -27.24
CA ILE B 51 -3.16 1.10 -28.37
C ILE B 51 -3.67 2.49 -28.71
N THR B 52 -3.60 2.85 -29.98
CA THR B 52 -4.03 4.17 -30.40
C THR B 52 -5.54 4.30 -30.27
N ASP B 53 -6.01 5.54 -30.35
CA ASP B 53 -7.39 5.86 -30.02
C ASP B 53 -8.41 4.97 -30.76
N GLY B 54 -8.16 4.69 -32.05
CA GLY B 54 -9.07 3.91 -32.86
C GLY B 54 -8.94 2.41 -32.72
N GLY B 55 -7.94 1.94 -31.96
CA GLY B 55 -7.61 0.54 -31.91
C GLY B 55 -6.87 0.03 -33.13
N SER B 56 -6.45 0.93 -34.02
CA SER B 56 -5.83 0.51 -35.28
C SER B 56 -4.39 0.06 -35.04
N TYR B 57 -3.61 0.87 -34.33
CA TYR B 57 -2.18 0.69 -34.16
C TYR B 57 -1.88 0.26 -32.72
N ALA B 58 -0.85 -0.56 -32.56
CA ALA B 58 -0.40 -0.98 -31.23
C ALA B 58 1.12 -0.92 -31.13
N TYR B 59 1.60 -0.59 -29.93
CA TYR B 59 3.03 -0.46 -29.69
C TYR B 59 3.36 -1.16 -28.38
N TYR B 60 4.57 -1.68 -28.31
CA TYR B 60 4.98 -2.55 -27.24
C TYR B 60 6.41 -2.24 -26.86
N THR B 61 6.73 -2.50 -25.58
CA THR B 61 8.11 -2.51 -25.13
C THR B 61 8.76 -3.86 -25.44
N ASP B 62 10.05 -3.80 -25.79
CA ASP B 62 10.79 -4.94 -26.33
C ASP B 62 10.53 -6.23 -25.56
N ASP B 63 10.56 -6.16 -24.23
CA ASP B 63 10.45 -7.35 -23.38
C ASP B 63 9.13 -8.09 -23.54
N VAL B 64 8.07 -7.45 -24.04
CA VAL B 64 6.78 -8.11 -24.15
C VAL B 64 6.34 -8.33 -25.59
N LYS B 65 7.14 -7.88 -26.58
CA LYS B 65 6.86 -8.16 -27.99
C LYS B 65 6.74 -9.65 -28.25
N GLY B 66 5.67 -10.02 -28.96
CA GLY B 66 5.35 -11.38 -29.30
C GLY B 66 4.66 -12.17 -28.22
N ARG B 67 4.54 -11.60 -27.03
CA ARG B 67 3.95 -12.29 -25.87
C ARG B 67 2.64 -11.68 -25.42
N PHE B 68 2.52 -10.34 -25.48
CA PHE B 68 1.39 -9.59 -24.96
C PHE B 68 0.70 -8.94 -26.15
N THR B 69 -0.63 -8.84 -26.08
CA THR B 69 -1.41 -8.08 -27.05
C THR B 69 -2.32 -7.10 -26.32
N VAL B 70 -2.31 -5.84 -26.75
CA VAL B 70 -3.19 -4.82 -26.21
C VAL B 70 -4.29 -4.56 -27.25
N SER B 71 -5.52 -4.43 -26.76
CA SER B 71 -6.68 -4.21 -27.62
C SER B 71 -7.66 -3.32 -26.88
N ARG B 72 -8.70 -2.90 -27.58
CA ARG B 72 -9.66 -2.00 -26.98
C ARG B 72 -11.01 -2.20 -27.64
N ASP B 73 -12.06 -2.01 -26.87
CA ASP B 73 -13.43 -2.10 -27.34
C ASP B 73 -14.02 -0.71 -27.21
N ASN B 74 -14.07 0.03 -28.31
CA ASN B 74 -14.57 1.40 -28.31
C ASN B 74 -16.08 1.48 -28.18
N ALA B 75 -16.79 0.36 -28.31
CA ALA B 75 -18.22 0.36 -28.06
C ALA B 75 -18.57 0.27 -26.56
N ARG B 76 -17.58 -0.04 -25.70
CA ARG B 76 -17.84 -0.30 -24.28
C ARG B 76 -16.83 0.36 -23.37
N ASN B 77 -15.88 1.13 -23.91
CA ASN B 77 -14.84 1.78 -23.12
C ASN B 77 -14.03 0.77 -22.32
N ASN B 78 -13.61 -0.30 -22.99
CA ASN B 78 -12.77 -1.30 -22.34
C ASN B 78 -11.40 -1.34 -23.01
N LEU B 79 -10.40 -1.58 -22.17
CA LEU B 79 -9.02 -1.79 -22.58
C LEU B 79 -8.58 -3.14 -22.05
N PHE B 80 -7.93 -3.94 -22.89
CA PHE B 80 -7.47 -5.26 -22.48
C PHE B 80 -5.97 -5.40 -22.71
N LEU B 81 -5.36 -6.32 -21.95
CA LEU B 81 -3.99 -6.77 -22.19
C LEU B 81 -4.00 -8.29 -22.16
N GLN B 82 -3.80 -8.92 -23.33
CA GLN B 82 -3.75 -10.38 -23.41
C GLN B 82 -2.29 -10.81 -23.32
N MET B 83 -2.00 -11.69 -22.36
CA MET B 83 -0.65 -12.07 -22.00
C MET B 83 -0.52 -13.57 -22.18
N SER B 84 0.48 -14.01 -22.93
CA SER B 84 0.82 -15.43 -22.95
C SER B 84 2.32 -15.56 -22.74
N HIS B 85 2.75 -16.77 -22.37
CA HIS B 85 4.14 -17.06 -22.04
C HIS B 85 4.64 -16.19 -20.88
N LEU B 86 3.79 -16.04 -19.86
CA LEU B 86 4.17 -15.26 -18.69
C LEU B 86 5.39 -15.86 -18.02
N ARG B 87 6.30 -14.99 -17.61
CA ARG B 87 7.55 -15.38 -16.96
C ARG B 87 7.71 -14.52 -15.71
N SER B 88 8.55 -15.02 -14.80
CA SER B 88 8.61 -14.50 -13.45
C SER B 88 8.84 -12.99 -13.44
N GLU B 89 9.66 -12.48 -14.36
CA GLU B 89 9.89 -11.05 -14.45
C GLU B 89 8.64 -10.25 -14.77
N ASP B 90 7.53 -10.91 -15.16
CA ASP B 90 6.31 -10.14 -15.46
C ASP B 90 5.49 -9.81 -14.23
N THR B 91 5.80 -10.40 -13.08
CA THR B 91 5.12 -10.12 -11.82
C THR B 91 5.17 -8.63 -11.51
N GLY B 92 4.01 -8.05 -11.21
CA GLY B 92 3.98 -6.65 -10.82
C GLY B 92 2.55 -6.10 -10.81
N ILE B 93 2.47 -4.79 -10.56
CA ILE B 93 1.21 -4.06 -10.52
C ILE B 93 1.04 -3.42 -11.88
N TYR B 94 -0.13 -3.62 -12.50
CA TYR B 94 -0.36 -3.19 -13.87
C TYR B 94 -1.41 -2.10 -13.88
N TYR B 95 -1.00 -0.89 -14.26
CA TYR B 95 -1.90 0.26 -14.30
C TYR B 95 -2.39 0.46 -15.72
N CYS B 96 -3.71 0.52 -15.87
CA CYS B 96 -4.34 1.11 -17.04
C CYS B 96 -4.15 2.62 -16.98
N SER B 97 -3.74 3.24 -18.09
CA SER B 97 -3.50 4.68 -18.09
C SER B 97 -4.06 5.33 -19.35
N ARG B 98 -4.38 6.61 -19.25
CA ARG B 98 -4.73 7.39 -20.42
C ARG B 98 -3.45 8.00 -20.96
N ASP B 99 -3.13 7.68 -22.21
CA ASP B 99 -1.87 8.04 -22.83
C ASP B 99 -2.05 9.22 -23.77
N ARG B 100 -1.43 10.34 -23.45
CA ARG B 100 -1.23 11.42 -24.41
C ARG B 100 -0.06 11.01 -25.30
N TRP B 101 -0.34 10.04 -26.23
CA TRP B 101 0.62 9.20 -26.99
C TRP B 101 1.61 10.09 -27.76
N PRO B 102 2.69 9.53 -28.33
CA PRO B 102 4.08 9.82 -27.91
C PRO B 102 4.41 10.19 -26.46
N TYR B 103 3.60 10.96 -25.71
CA TYR B 103 4.23 11.83 -24.70
C TYR B 103 4.16 11.40 -23.23
N TYR B 104 3.05 11.60 -22.53
CA TYR B 104 3.01 11.29 -21.11
C TYR B 104 1.66 10.63 -20.80
N PHE B 105 1.47 10.27 -19.53
CA PHE B 105 0.30 9.52 -19.05
C PHE B 105 -0.41 10.42 -18.07
N ASP B 106 -1.62 10.86 -18.41
CA ASP B 106 -2.19 11.91 -17.60
C ASP B 106 -3.32 11.44 -16.67
N PHE B 107 -3.78 10.20 -16.77
CA PHE B 107 -4.61 9.58 -15.74
C PHE B 107 -4.24 8.11 -15.58
N TRP B 108 -4.29 7.60 -14.34
CA TRP B 108 -3.95 6.22 -14.06
C TRP B 108 -4.99 5.56 -13.15
N GLY B 109 -5.17 4.25 -13.34
CA GLY B 109 -6.06 3.47 -12.51
C GLY B 109 -5.40 2.91 -11.25
N ARG B 110 -6.23 2.29 -10.41
CA ARG B 110 -5.75 1.78 -9.12
C ARG B 110 -4.69 0.70 -9.25
N GLY B 111 -4.56 0.08 -10.42
CA GLY B 111 -3.59 -0.99 -10.54
C GLY B 111 -4.20 -2.34 -10.23
N THR B 112 -3.64 -3.37 -10.87
CA THR B 112 -3.98 -4.77 -10.58
C THR B 112 -2.71 -5.60 -10.51
N THR B 113 -2.64 -6.53 -9.55
CA THR B 113 -1.41 -7.24 -9.22
C THR B 113 -1.38 -8.59 -9.91
N LEU B 114 -0.38 -8.79 -10.76
CA LEU B 114 -0.12 -10.08 -11.38
C LEU B 114 1.08 -10.72 -10.68
N THR B 115 0.85 -11.85 -10.05
CA THR B 115 1.92 -12.64 -9.46
C THR B 115 2.12 -13.89 -10.30
N VAL B 116 3.32 -14.01 -10.91
CA VAL B 116 3.72 -15.22 -11.60
C VAL B 116 4.47 -16.12 -10.63
N SER B 117 3.95 -17.33 -10.43
CA SER B 117 4.48 -18.24 -9.41
C SER B 117 3.84 -19.61 -9.59
N SER B 118 4.54 -20.64 -9.12
CA SER B 118 4.05 -22.00 -9.16
C SER B 118 3.41 -22.45 -7.85
N ALA B 119 3.21 -21.54 -6.90
CA ALA B 119 2.54 -21.83 -5.64
C ALA B 119 1.03 -21.82 -5.85
N SER B 120 0.31 -22.33 -4.85
CA SER B 120 -1.14 -22.29 -4.91
C SER B 120 -1.67 -21.00 -4.32
N THR B 121 -2.79 -20.54 -4.86
CA THR B 121 -3.51 -19.47 -4.19
C THR B 121 -4.14 -20.03 -2.91
N LYS B 122 -4.26 -19.18 -1.91
CA LYS B 122 -4.90 -19.57 -0.66
C LYS B 122 -5.57 -18.34 -0.08
N GLY B 123 -6.83 -18.50 0.35
CA GLY B 123 -7.57 -17.40 0.87
C GLY B 123 -7.29 -17.20 2.34
N PRO B 124 -7.61 -16.02 2.87
CA PRO B 124 -7.25 -15.73 4.25
C PRO B 124 -8.32 -16.22 5.21
N SER B 125 -7.89 -16.47 6.44
CA SER B 125 -8.76 -16.45 7.60
C SER B 125 -8.73 -15.05 8.19
N VAL B 126 -9.87 -14.62 8.72
CA VAL B 126 -10.03 -13.27 9.26
C VAL B 126 -10.47 -13.39 10.72
N PHE B 127 -9.72 -12.73 11.61
CA PHE B 127 -9.97 -12.79 13.04
C PHE B 127 -10.18 -11.39 13.61
N PRO B 128 -11.12 -11.23 14.53
CA PRO B 128 -11.37 -9.90 15.11
C PRO B 128 -10.24 -9.46 16.02
N LEU B 129 -9.96 -8.17 16.02
CA LEU B 129 -9.13 -7.53 17.04
C LEU B 129 -10.10 -6.69 17.86
N ALA B 130 -10.70 -7.32 18.90
CA ALA B 130 -11.80 -6.67 19.65
C ALA B 130 -11.28 -5.52 20.49
N PRO B 131 -12.05 -4.43 20.59
CA PRO B 131 -11.66 -3.39 21.52
C PRO B 131 -11.90 -3.87 22.93
N SER B 132 -11.01 -3.47 23.85
CA SER B 132 -11.11 -3.88 25.24
C SER B 132 -10.43 -2.78 26.05
N SER B 133 -10.29 -3.01 27.35
CA SER B 133 -9.53 -2.02 28.11
C SER B 133 -8.05 -1.99 27.70
N LYS B 134 -7.57 -2.96 26.94
CA LYS B 134 -6.17 -2.97 26.55
C LYS B 134 -5.90 -2.17 25.28
N SER B 135 -6.96 -1.74 24.58
CA SER B 135 -6.82 -0.97 23.34
C SER B 135 -7.51 0.40 23.42
N THR B 136 -7.69 0.94 24.62
CA THR B 136 -8.41 2.19 24.84
C THR B 136 -7.52 3.20 25.55
N SER B 137 -7.66 4.47 25.19
CA SER B 137 -7.00 5.52 25.95
C SER B 137 -7.58 6.87 25.51
N GLY B 138 -7.68 7.79 26.47
CA GLY B 138 -8.15 9.13 26.19
C GLY B 138 -9.56 9.21 25.64
N GLY B 139 -10.42 8.25 25.99
CA GLY B 139 -11.75 8.16 25.41
C GLY B 139 -11.79 7.52 24.04
N THR B 140 -10.66 7.04 23.53
CA THR B 140 -10.54 6.47 22.19
C THR B 140 -10.24 4.98 22.27
N ALA B 141 -10.91 4.19 21.44
CA ALA B 141 -10.71 2.75 21.39
C ALA B 141 -10.22 2.29 20.01
N ALA B 142 -9.28 1.36 20.01
CA ALA B 142 -8.75 0.77 18.79
C ALA B 142 -9.34 -0.62 18.60
N LEU B 143 -9.69 -0.94 17.37
CA LEU B 143 -10.21 -2.25 17.03
C LEU B 143 -9.70 -2.62 15.64
N GLY B 144 -9.82 -3.89 15.28
CA GLY B 144 -9.29 -4.24 13.98
C GLY B 144 -9.65 -5.65 13.53
N CYS B 145 -9.05 -6.02 12.40
CA CYS B 145 -9.10 -7.37 11.89
C CYS B 145 -7.68 -7.85 11.63
N LEU B 146 -7.43 -9.11 11.96
CA LEU B 146 -6.20 -9.79 11.58
C LEU B 146 -6.49 -10.71 10.39
N VAL B 147 -5.80 -10.49 9.27
CA VAL B 147 -6.02 -11.20 8.01
C VAL B 147 -4.83 -12.12 7.80
N LYS B 148 -5.00 -13.42 8.05
CA LYS B 148 -3.86 -14.34 8.19
C LYS B 148 -3.89 -15.46 7.16
N ASP B 149 -2.71 -15.79 6.62
CA ASP B 149 -2.43 -16.98 5.80
C ASP B 149 -3.10 -16.95 4.42
N TYR B 150 -2.70 -16.01 3.58
CA TYR B 150 -3.17 -15.90 2.20
C TYR B 150 -1.98 -15.80 1.27
N PHE B 151 -2.19 -16.21 0.02
CA PHE B 151 -1.21 -16.03 -1.05
C PHE B 151 -2.02 -15.97 -2.34
N PRO B 152 -1.64 -15.11 -3.31
CA PRO B 152 -0.54 -14.14 -3.21
C PRO B 152 -1.09 -12.81 -2.68
N GLU B 153 -0.32 -11.72 -2.63
CA GLU B 153 -0.88 -10.41 -2.41
C GLU B 153 -1.76 -10.03 -3.60
N PRO B 154 -2.67 -9.05 -3.44
CA PRO B 154 -3.03 -8.34 -2.19
C PRO B 154 -4.37 -8.77 -1.60
N VAL B 155 -4.61 -8.44 -0.35
CA VAL B 155 -5.96 -8.36 0.20
C VAL B 155 -6.25 -6.86 0.32
N THR B 156 -7.47 -6.47 -0.06
CA THR B 156 -7.95 -5.12 0.22
C THR B 156 -8.93 -5.17 1.40
N VAL B 157 -8.80 -4.20 2.30
CA VAL B 157 -9.65 -4.13 3.48
C VAL B 157 -10.42 -2.82 3.42
N SER B 158 -11.72 -2.91 3.66
CA SER B 158 -12.51 -1.72 3.91
C SER B 158 -13.24 -1.91 5.22
N TRP B 159 -13.83 -0.83 5.71
CA TRP B 159 -14.62 -0.89 6.93
C TRP B 159 -16.01 -0.37 6.64
N ASN B 160 -17.02 -1.11 7.11
CA ASN B 160 -18.41 -0.74 6.96
C ASN B 160 -18.74 -0.42 5.50
N SER B 161 -18.23 -1.29 4.63
CA SER B 161 -18.53 -1.27 3.19
C SER B 161 -18.15 0.06 2.57
N GLY B 162 -17.08 0.67 3.08
CA GLY B 162 -16.59 1.92 2.56
C GLY B 162 -17.01 3.15 3.34
N ALA B 163 -18.07 3.05 4.17
CA ALA B 163 -18.57 4.20 4.93
C ALA B 163 -17.67 4.60 6.10
N LEU B 164 -16.59 3.86 6.39
CA LEU B 164 -15.64 4.23 7.42
C LEU B 164 -14.21 4.24 6.84
N THR B 165 -13.60 5.42 6.79
CA THR B 165 -12.26 5.59 6.24
C THR B 165 -11.37 6.33 7.23
N SER B 166 -11.99 7.12 8.10
CA SER B 166 -11.21 7.96 9.01
C SER B 166 -10.59 7.10 10.11
N GLY B 167 -9.33 7.39 10.45
CA GLY B 167 -8.61 6.67 11.49
C GLY B 167 -8.24 5.24 11.17
N VAL B 168 -8.23 4.85 9.91
CA VAL B 168 -7.94 3.46 9.56
C VAL B 168 -6.47 3.32 9.26
N HIS B 169 -5.85 2.29 9.80
CA HIS B 169 -4.48 1.93 9.47
C HIS B 169 -4.47 0.48 8.99
N THR B 170 -4.28 0.29 7.69
CA THR B 170 -4.03 -1.05 7.14
C THR B 170 -2.54 -1.21 6.88
N PHE B 171 -1.92 -2.16 7.58
CA PHE B 171 -0.47 -2.27 7.57
C PHE B 171 0.01 -3.09 6.38
N PRO B 172 1.22 -2.78 5.87
CA PRO B 172 1.88 -3.69 4.93
C PRO B 172 1.88 -5.10 5.49
N ALA B 173 1.72 -6.07 4.61
CA ALA B 173 1.69 -7.44 5.05
C ALA B 173 3.10 -7.94 5.33
N VAL B 174 3.19 -8.96 6.16
CA VAL B 174 4.45 -9.64 6.45
C VAL B 174 4.41 -10.99 5.77
N LEU B 175 5.59 -11.49 5.38
CA LEU B 175 5.71 -12.81 4.76
C LEU B 175 6.09 -13.79 5.86
N GLN B 176 5.19 -14.72 6.17
CA GLN B 176 5.49 -15.68 7.21
C GLN B 176 6.40 -16.77 6.64
N SER B 177 7.07 -17.49 7.55
CA SER B 177 7.99 -18.53 7.09
C SER B 177 7.25 -19.73 6.51
N SER B 178 5.93 -19.77 6.59
CA SER B 178 5.14 -20.68 5.76
C SER B 178 5.13 -20.29 4.28
N GLY B 179 5.62 -19.09 3.93
CA GLY B 179 5.37 -18.56 2.60
C GLY B 179 4.01 -17.91 2.45
N LEU B 180 3.25 -17.78 3.52
CA LEU B 180 1.93 -17.17 3.50
C LEU B 180 2.00 -15.78 4.10
N TYR B 181 1.15 -14.88 3.60
CA TYR B 181 1.13 -13.49 4.03
C TYR B 181 0.22 -13.32 5.23
N SER B 182 0.45 -12.23 5.97
CA SER B 182 -0.39 -11.84 7.09
C SER B 182 -0.44 -10.31 7.23
N LEU B 183 -1.60 -9.76 7.59
CA LEU B 183 -1.66 -8.32 7.81
C LEU B 183 -2.74 -8.00 8.83
N SER B 184 -2.71 -6.76 9.30
CA SER B 184 -3.76 -6.27 10.16
C SER B 184 -4.29 -4.95 9.64
N SER B 185 -5.57 -4.69 9.93
CA SER B 185 -6.21 -3.41 9.67
C SER B 185 -6.85 -2.95 10.97
N VAL B 186 -6.55 -1.75 11.42
CA VAL B 186 -7.11 -1.25 12.67
C VAL B 186 -7.80 0.08 12.42
N VAL B 187 -8.66 0.48 13.37
CA VAL B 187 -9.29 1.80 13.34
C VAL B 187 -9.51 2.25 14.78
N THR B 188 -9.38 3.54 15.02
CA THR B 188 -9.64 4.08 16.34
C THR B 188 -10.91 4.92 16.27
N VAL B 189 -11.86 4.62 17.16
CA VAL B 189 -13.20 5.19 17.16
C VAL B 189 -13.51 5.69 18.57
N PRO B 190 -14.62 6.39 18.82
CA PRO B 190 -14.95 6.76 20.21
C PRO B 190 -15.28 5.55 21.06
N SER B 191 -14.79 5.56 22.30
CA SER B 191 -15.26 4.59 23.30
C SER B 191 -16.76 4.73 23.49
N SER B 192 -17.22 5.96 23.79
CA SER B 192 -18.63 6.34 23.96
C SER B 192 -19.64 5.44 23.28
N SER B 193 -19.42 5.20 21.98
CA SER B 193 -20.45 4.64 21.10
C SER B 193 -20.12 3.20 20.67
N LEU B 194 -19.30 2.48 21.42
CA LEU B 194 -19.12 1.07 21.14
C LEU B 194 -20.39 0.24 21.33
N GLY B 195 -21.38 0.78 22.04
CA GLY B 195 -22.66 0.10 22.18
C GLY B 195 -23.69 0.41 21.11
N THR B 196 -23.50 1.48 20.34
CA THR B 196 -24.45 1.83 19.27
C THR B 196 -23.95 1.59 17.85
N GLN B 197 -22.67 1.85 17.56
CA GLN B 197 -22.08 1.62 16.25
C GLN B 197 -21.71 0.15 16.08
N THR B 198 -21.86 -0.36 14.86
CA THR B 198 -21.38 -1.69 14.49
C THR B 198 -20.29 -1.50 13.45
N TYR B 199 -19.15 -2.17 13.67
CA TYR B 199 -17.95 -2.06 12.84
C TYR B 199 -17.66 -3.39 12.16
N ILE B 200 -17.68 -3.40 10.84
CA ILE B 200 -17.45 -4.61 10.05
C ILE B 200 -16.27 -4.34 9.12
N CYS B 201 -15.25 -5.22 9.18
CA CYS B 201 -14.14 -5.15 8.24
C CYS B 201 -14.47 -6.05 7.06
N ASN B 202 -14.31 -5.51 5.85
CA ASN B 202 -14.60 -6.22 4.60
C ASN B 202 -13.28 -6.59 3.93
N VAL B 203 -13.03 -7.88 3.81
CA VAL B 203 -11.76 -8.40 3.33
C VAL B 203 -12.00 -9.01 1.97
N ASN B 204 -11.32 -8.50 0.94
CA ASN B 204 -11.41 -9.06 -0.40
C ASN B 204 -10.01 -9.51 -0.85
N HIS B 205 -9.87 -10.82 -1.08
CA HIS B 205 -8.68 -11.42 -1.72
C HIS B 205 -9.10 -11.80 -3.13
N LYS B 206 -8.98 -10.87 -4.06
CA LYS B 206 -9.42 -11.17 -5.42
C LYS B 206 -8.69 -12.38 -5.99
N PRO B 207 -7.37 -12.54 -5.80
CA PRO B 207 -6.69 -13.70 -6.41
C PRO B 207 -7.29 -15.07 -6.05
N SER B 208 -7.93 -15.18 -4.89
CA SER B 208 -8.64 -16.40 -4.51
C SER B 208 -10.15 -16.30 -4.65
N ASN B 209 -10.68 -15.15 -5.05
CA ASN B 209 -12.12 -14.93 -5.12
C ASN B 209 -12.82 -15.28 -3.81
N THR B 210 -12.26 -14.84 -2.69
CA THR B 210 -12.90 -14.98 -1.39
C THR B 210 -13.12 -13.59 -0.78
N LYS B 211 -14.37 -13.32 -0.39
CA LYS B 211 -14.71 -12.16 0.40
C LYS B 211 -15.13 -12.66 1.77
N VAL B 212 -14.66 -11.97 2.81
CA VAL B 212 -15.05 -12.26 4.19
C VAL B 212 -15.44 -10.95 4.85
N ASP B 213 -16.56 -10.97 5.58
CA ASP B 213 -17.03 -9.86 6.40
C ASP B 213 -16.98 -10.31 7.86
N LYS B 214 -16.49 -9.44 8.74
CA LYS B 214 -16.35 -9.83 10.13
C LYS B 214 -16.70 -8.66 11.06
N LYS B 215 -17.80 -8.82 11.78
CA LYS B 215 -18.17 -7.88 12.82
C LYS B 215 -17.11 -7.92 13.92
N VAL B 216 -16.67 -6.74 14.34
CA VAL B 216 -15.72 -6.63 15.42
C VAL B 216 -16.41 -5.89 16.54
N GLU B 217 -16.72 -6.59 17.63
CA GLU B 217 -17.42 -6.00 18.75
C GLU B 217 -16.69 -6.28 20.07
N PRO B 218 -17.00 -5.50 21.12
CA PRO B 218 -16.41 -5.82 22.43
C PRO B 218 -16.86 -7.20 22.89
N LYS B 219 -15.94 -7.93 23.49
CA LYS B 219 -16.20 -9.27 24.00
C LYS B 219 -16.27 -9.22 25.52
N SER B 220 -17.37 -9.74 26.07
CA SER B 220 -17.56 -9.76 27.51
C SER B 220 -16.67 -10.85 28.13
N CYS B 221 -15.88 -10.46 29.14
CA CYS B 221 -14.75 -11.30 29.56
C CYS B 221 -15.18 -12.53 30.37
N GLY B 222 -16.15 -12.38 31.28
CA GLY B 222 -16.37 -13.39 32.29
C GLY B 222 -17.03 -14.67 31.80
N SER B 223 -16.90 -15.73 32.61
CA SER B 223 -17.56 -17.00 32.36
C SER B 223 -17.77 -17.80 33.65
N HIS B 224 -18.93 -18.46 33.72
CA HIS B 224 -19.29 -19.26 34.87
C HIS B 224 -18.40 -20.51 35.01
N HIS B 225 -17.85 -21.02 33.91
CA HIS B 225 -16.88 -22.11 33.97
C HIS B 225 -15.52 -21.56 33.57
N HIS B 226 -14.60 -21.55 34.51
CA HIS B 226 -13.32 -20.87 34.37
C HIS B 226 -12.44 -21.25 35.54
N HIS B 227 -11.14 -21.05 35.35
CA HIS B 227 -10.14 -21.31 36.38
C HIS B 227 -9.07 -20.23 36.26
N HIS B 228 -7.97 -20.42 37.00
CA HIS B 228 -6.97 -19.36 37.08
C HIS B 228 -5.55 -19.85 36.78
N HIS B 229 -5.37 -20.40 35.60
CA HIS B 229 -4.06 -20.76 35.09
C HIS B 229 -4.19 -20.98 33.61
#